data_9AV5
#
_entry.id   9AV5
#
_cell.length_a   185.99
_cell.length_b   77.04
_cell.length_c   65.07
_cell.angle_alpha   90
_cell.angle_beta   90.58
_cell.angle_gamma   90
#
_symmetry.space_group_name_H-M   'C 1 2 1'
#
loop_
_entity.id
_entity.type
_entity.pdbx_description
1 polymer 'Hydroxysteroid 17-beta dehydrogenase 13'
2 non-polymer NICOTINAMIDE-ADENINE-DINUCLEOTIDE
3 non-polymer '8-(3,4-dichlorobenzene-1-sulfonamido)quinoline-5-carboxylic acid'
4 water water
#
_entity_poly.entity_id   1
_entity_poly.type   'polypeptide(L)'
_entity_poly.pdbx_seq_one_letter_code
;MGNIILDLLLLLLTIIYSYLEALVKVFFPRKRKSVAGEIVLITGAGHGIGRWTAYEFAKQKSRLVLWDINKHGVEETAAE
CRKLGATVHTFVVDCGNREDIYNSVKQVKKEVGDVTILVNNAGTVYPADLLSTKDEEITKTFEINILGHFWITKALLPSM
IKRNHGHIVTVASVCGHEGIPYLIPYCSSKFAAVGFHRALTLELQALGITGIKTSCLCPVFVNTGFTKNPSTRLWPILET
DTVARSLIDGILTNKKMIFVPSYYNIYLILDKFLPERALAAINHLQNIQFEAVVGHKTRMKGSGHHHHHHHHHHH
;
_entity_poly.pdbx_strand_id   A,B
#
loop_
_chem_comp.id
_chem_comp.type
_chem_comp.name
_chem_comp.formula
A1AG5 non-polymer '8-(3,4-dichlorobenzene-1-sulfonamido)quinoline-5-carboxylic acid' 'C16 H10 Cl2 N2 O4 S'
NAD non-polymer NICOTINAMIDE-ADENINE-DINUCLEOTIDE 'C21 H27 N7 O14 P2'
#
# COMPACT_ATOMS: atom_id res chain seq x y z
N ILE A 15 4.57 -17.11 -19.65
CA ILE A 15 5.13 -17.73 -20.85
C ILE A 15 4.05 -18.00 -21.90
N ILE A 16 3.00 -18.77 -21.53
CA ILE A 16 1.87 -19.14 -22.40
C ILE A 16 0.86 -18.00 -22.44
N TYR A 17 0.59 -17.36 -21.28
CA TYR A 17 -0.33 -16.24 -21.17
C TYR A 17 0.20 -15.03 -21.96
N SER A 18 1.53 -14.79 -21.94
CA SER A 18 2.13 -13.67 -22.68
C SER A 18 2.08 -13.87 -24.20
N TYR A 19 2.09 -15.12 -24.66
CA TYR A 19 1.96 -15.47 -26.07
C TYR A 19 0.49 -15.23 -26.51
N LEU A 20 -0.46 -15.61 -25.63
CA LEU A 20 -1.89 -15.41 -25.87
C LEU A 20 -2.26 -13.92 -25.78
N GLU A 21 -1.62 -13.16 -24.88
CA GLU A 21 -1.84 -11.72 -24.72
C GLU A 21 -1.28 -10.94 -25.92
N ALA A 22 -0.21 -11.46 -26.55
CA ALA A 22 0.38 -10.87 -27.76
C ALA A 22 -0.57 -11.07 -28.94
N LEU A 23 -1.26 -12.22 -28.99
CA LEU A 23 -2.23 -12.59 -30.02
C LEU A 23 -3.49 -11.72 -29.90
N VAL A 24 -4.03 -11.56 -28.67
CA VAL A 24 -5.22 -10.74 -28.39
C VAL A 24 -4.95 -9.25 -28.70
N LYS A 25 -3.72 -8.78 -28.45
CA LYS A 25 -3.30 -7.40 -28.70
C LYS A 25 -3.30 -7.03 -30.19
N VAL A 26 -3.14 -8.02 -31.07
CA VAL A 26 -3.11 -7.76 -32.50
C VAL A 26 -4.42 -8.16 -33.21
N PHE A 27 -4.94 -9.38 -32.94
CA PHE A 27 -6.16 -9.98 -33.50
C PHE A 27 -7.42 -9.18 -33.09
N PHE A 28 -7.49 -8.78 -31.81
CA PHE A 28 -8.64 -8.02 -31.28
C PHE A 28 -8.13 -6.81 -30.52
N PRO A 29 -7.61 -5.80 -31.23
CA PRO A 29 -7.08 -4.62 -30.53
C PRO A 29 -8.15 -3.81 -29.82
N ARG A 30 -7.83 -3.43 -28.61
CA ARG A 30 -8.67 -2.65 -27.73
C ARG A 30 -8.72 -1.21 -28.30
N LYS A 31 -9.88 -0.55 -28.20
CA LYS A 31 -10.08 0.81 -28.71
C LYS A 31 -9.18 1.88 -28.06
N ARG A 32 -8.54 2.70 -28.90
CA ARG A 32 -7.69 3.80 -28.44
C ARG A 32 -8.49 5.09 -28.49
N LYS A 33 -8.32 5.91 -27.47
CA LYS A 33 -8.99 7.20 -27.39
C LYS A 33 -8.03 8.33 -27.78
N SER A 34 -8.54 9.54 -27.96
CA SER A 34 -7.69 10.67 -28.33
C SER A 34 -7.45 11.57 -27.13
N VAL A 35 -6.19 11.90 -26.88
CA VAL A 35 -5.85 12.85 -25.81
C VAL A 35 -5.42 14.22 -26.36
N ALA A 36 -5.72 14.49 -27.66
CA ALA A 36 -5.41 15.73 -28.34
C ALA A 36 -6.24 16.84 -27.73
N GLY A 37 -5.58 17.94 -27.36
CA GLY A 37 -6.24 19.09 -26.77
C GLY A 37 -6.54 18.99 -25.29
N GLU A 38 -6.28 17.82 -24.69
CA GLU A 38 -6.47 17.58 -23.27
C GLU A 38 -5.36 18.26 -22.51
N ILE A 39 -5.66 18.79 -21.32
CA ILE A 39 -4.62 19.40 -20.50
C ILE A 39 -4.05 18.31 -19.60
N VAL A 40 -2.80 17.93 -19.88
CA VAL A 40 -2.09 16.88 -19.18
C VAL A 40 -1.05 17.45 -18.22
N LEU A 41 -1.15 17.10 -16.93
CA LEU A 41 -0.18 17.55 -15.93
C LEU A 41 0.69 16.38 -15.56
N ILE A 42 2.00 16.46 -15.81
CA ILE A 42 2.91 15.38 -15.46
C ILE A 42 3.85 15.81 -14.37
N THR A 43 3.79 15.13 -13.22
CA THR A 43 4.68 15.43 -12.11
C THR A 43 5.97 14.64 -12.30
N GLY A 44 7.09 15.19 -11.84
CA GLY A 44 8.39 14.55 -11.98
C GLY A 44 8.77 14.34 -13.44
N ALA A 45 8.48 15.34 -14.27
CA ALA A 45 8.72 15.30 -15.71
C ALA A 45 10.10 15.78 -16.15
N GLY A 46 10.97 16.13 -15.21
CA GLY A 46 12.32 16.60 -15.50
C GLY A 46 13.31 15.53 -15.93
N HIS A 47 12.90 14.25 -15.91
CA HIS A 47 13.76 13.12 -16.27
C HIS A 47 12.93 11.80 -16.29
N GLY A 48 13.53 10.76 -16.84
CA GLY A 48 12.98 9.41 -16.82
C GLY A 48 11.58 9.20 -17.33
N ILE A 49 10.83 8.31 -16.67
CA ILE A 49 9.44 7.94 -17.04
C ILE A 49 8.57 9.16 -17.33
N GLY A 50 8.67 10.17 -16.47
CA GLY A 50 7.94 11.42 -16.61
C GLY A 50 8.32 12.18 -17.85
N ARG A 51 9.63 12.37 -18.07
CA ARG A 51 10.12 13.06 -19.27
C ARG A 51 9.66 12.38 -20.55
N TRP A 52 9.77 11.05 -20.63
CA TRP A 52 9.39 10.33 -21.84
C TRP A 52 7.87 10.19 -22.00
N THR A 53 7.12 10.22 -20.88
CA THR A 53 5.66 10.25 -20.93
C THR A 53 5.22 11.57 -21.57
N ALA A 54 5.90 12.69 -21.21
CA ALA A 54 5.64 14.02 -21.75
C ALA A 54 5.87 14.03 -23.25
N TYR A 55 6.91 13.36 -23.72
CA TYR A 55 7.19 13.26 -25.15
C TYR A 55 6.11 12.47 -25.86
N GLU A 56 5.59 11.41 -25.22
CA GLU A 56 4.52 10.60 -25.82
C GLU A 56 3.24 11.41 -25.93
N PHE A 57 2.93 12.20 -24.89
CA PHE A 57 1.76 13.07 -24.89
C PHE A 57 1.93 14.20 -25.90
N ALA A 58 3.16 14.69 -26.09
CA ALA A 58 3.42 15.73 -27.07
C ALA A 58 3.11 15.21 -28.48
N LYS A 59 3.55 13.97 -28.81
CA LYS A 59 3.24 13.38 -30.12
C LYS A 59 1.71 13.21 -30.29
N GLN A 60 0.99 12.94 -29.17
CA GLN A 60 -0.47 12.77 -29.08
C GLN A 60 -1.28 14.06 -29.22
N LYS A 61 -0.59 15.21 -29.38
CA LYS A 61 -1.15 16.56 -29.57
C LYS A 61 -1.92 17.08 -28.33
N SER A 62 -1.44 16.73 -27.11
CA SER A 62 -2.02 17.18 -25.85
C SER A 62 -1.41 18.54 -25.41
N ARG A 63 -2.09 19.27 -24.51
CA ARG A 63 -1.56 20.51 -23.93
C ARG A 63 -0.84 20.08 -22.65
N LEU A 64 0.43 20.49 -22.43
CA LEU A 64 1.17 20.00 -21.26
C LEU A 64 1.49 21.02 -20.19
N VAL A 65 1.39 20.57 -18.93
CA VAL A 65 1.75 21.31 -17.74
C VAL A 65 2.78 20.40 -17.09
N LEU A 66 4.06 20.77 -17.09
CA LEU A 66 5.10 19.91 -16.52
C LEU A 66 5.57 20.42 -15.17
N TRP A 67 5.64 19.51 -14.16
CA TRP A 67 6.03 19.84 -12.79
C TRP A 67 7.26 19.08 -12.33
N ASP A 68 8.09 19.72 -11.51
CA ASP A 68 9.28 19.09 -10.96
C ASP A 68 10.07 20.07 -10.10
N ILE A 69 10.83 19.55 -9.13
CA ILE A 69 11.72 20.33 -8.28
C ILE A 69 12.96 20.79 -9.09
N ASN A 70 13.34 20.03 -10.14
CA ASN A 70 14.45 20.31 -11.03
C ASN A 70 14.00 21.22 -12.20
N LYS A 71 14.23 22.54 -12.02
CA LYS A 71 13.87 23.58 -12.98
C LYS A 71 14.55 23.36 -14.33
N HIS A 72 15.85 23.10 -14.32
CA HIS A 72 16.58 22.88 -15.57
C HIS A 72 16.07 21.69 -16.36
N GLY A 73 15.87 20.57 -15.70
CA GLY A 73 15.41 19.35 -16.34
C GLY A 73 14.02 19.47 -16.92
N VAL A 74 13.11 20.12 -16.20
CA VAL A 74 11.74 20.27 -16.68
C VAL A 74 11.68 21.21 -17.89
N GLU A 75 12.58 22.20 -17.94
CA GLU A 75 12.68 23.12 -19.08
C GLU A 75 13.31 22.40 -20.29
N GLU A 76 14.28 21.52 -20.04
CA GLU A 76 14.90 20.72 -21.07
C GLU A 76 13.86 19.75 -21.66
N THR A 77 12.94 19.22 -20.82
CA THR A 77 11.87 18.34 -21.30
C THR A 77 10.89 19.14 -22.16
N ALA A 78 10.45 20.32 -21.68
CA ALA A 78 9.54 21.22 -22.39
C ALA A 78 10.09 21.63 -23.74
N ALA A 79 11.41 21.88 -23.82
CA ALA A 79 12.04 22.26 -25.07
C ALA A 79 11.88 21.17 -26.11
N GLU A 80 11.95 19.90 -25.70
CA GLU A 80 11.74 18.81 -26.64
C GLU A 80 10.26 18.58 -27.00
N CYS A 81 9.36 18.72 -26.02
CA CYS A 81 7.92 18.62 -26.28
C CYS A 81 7.47 19.74 -27.22
N ARG A 82 8.15 20.90 -27.17
CA ARG A 82 7.85 21.99 -28.07
C ARG A 82 8.42 21.70 -29.46
N LYS A 83 9.58 21.03 -29.56
CA LYS A 83 10.10 20.62 -30.86
C LYS A 83 9.13 19.59 -31.51
N LEU A 84 8.40 18.81 -30.69
CA LEU A 84 7.43 17.83 -31.15
C LEU A 84 6.07 18.46 -31.59
N GLY A 85 5.90 19.76 -31.38
CA GLY A 85 4.70 20.49 -31.78
C GLY A 85 3.70 20.81 -30.69
N ALA A 86 3.96 20.40 -29.44
CA ALA A 86 3.02 20.66 -28.34
C ALA A 86 3.22 22.00 -27.63
N THR A 87 2.13 22.51 -26.99
CA THR A 87 2.16 23.72 -26.16
C THR A 87 2.45 23.25 -24.72
N VAL A 88 3.49 23.82 -24.09
CA VAL A 88 3.94 23.38 -22.76
C VAL A 88 4.11 24.53 -21.77
N HIS A 89 3.75 24.30 -20.50
CA HIS A 89 3.93 25.26 -19.43
C HIS A 89 4.63 24.54 -18.30
N THR A 90 5.78 25.05 -17.83
CA THR A 90 6.48 24.37 -16.73
C THR A 90 6.34 25.10 -15.42
N PHE A 91 6.32 24.36 -14.33
CA PHE A 91 6.19 24.92 -13.00
C PHE A 91 7.13 24.20 -12.04
N VAL A 92 7.99 24.96 -11.33
CA VAL A 92 8.89 24.35 -10.35
C VAL A 92 8.05 24.10 -9.12
N VAL A 93 7.53 22.88 -8.98
CA VAL A 93 6.65 22.55 -7.86
C VAL A 93 7.20 21.38 -7.07
N ASP A 94 7.26 21.52 -5.75
CA ASP A 94 7.66 20.43 -4.88
C ASP A 94 6.40 19.61 -4.65
N CYS A 95 6.35 18.42 -5.25
CA CYS A 95 5.17 17.57 -5.20
C CYS A 95 5.01 16.75 -3.92
N GLY A 96 5.83 17.02 -2.92
CA GLY A 96 5.70 16.42 -1.61
C GLY A 96 5.15 17.43 -0.58
N ASN A 97 5.01 18.70 -1.02
CA ASN A 97 4.59 19.86 -0.24
C ASN A 97 3.15 20.25 -0.60
N ARG A 98 2.24 20.05 0.33
CA ARG A 98 0.81 20.33 0.20
C ARG A 98 0.53 21.80 -0.17
N GLU A 99 1.21 22.75 0.51
CA GLU A 99 1.06 24.18 0.30
C GLU A 99 1.49 24.55 -1.11
N ASP A 100 2.66 24.06 -1.53
CA ASP A 100 3.24 24.31 -2.85
C ASP A 100 2.30 23.81 -3.94
N ILE A 101 1.75 22.59 -3.78
CA ILE A 101 0.83 22.01 -4.75
C ILE A 101 -0.43 22.88 -4.87
N TYR A 102 -1.04 23.24 -3.72
CA TYR A 102 -2.26 24.03 -3.73
C TYR A 102 -2.07 25.40 -4.37
N ASN A 103 -0.92 26.02 -4.14
CA ASN A 103 -0.62 27.33 -4.72
C ASN A 103 -0.34 27.21 -6.21
N SER A 104 0.37 26.15 -6.62
CA SER A 104 0.69 25.91 -8.01
C SER A 104 -0.53 25.55 -8.83
N VAL A 105 -1.55 24.91 -8.23
CA VAL A 105 -2.80 24.63 -8.95
C VAL A 105 -3.50 25.94 -9.24
N LYS A 106 -3.46 26.92 -8.30
CA LYS A 106 -4.03 28.25 -8.53
C LYS A 106 -3.36 28.92 -9.74
N GLN A 107 -2.04 28.72 -9.91
CA GLN A 107 -1.26 29.24 -11.03
C GLN A 107 -1.69 28.55 -12.32
N VAL A 108 -1.79 27.18 -12.30
CA VAL A 108 -2.20 26.39 -13.47
C VAL A 108 -3.56 26.82 -13.97
N LYS A 109 -4.53 27.01 -13.06
CA LYS A 109 -5.87 27.44 -13.46
C LYS A 109 -5.84 28.84 -14.09
N LYS A 110 -5.03 29.75 -13.56
CA LYS A 110 -4.91 31.11 -14.06
C LYS A 110 -4.23 31.16 -15.45
N GLU A 111 -3.14 30.43 -15.64
CA GLU A 111 -2.35 30.49 -16.87
C GLU A 111 -2.67 29.48 -17.94
N VAL A 112 -3.22 28.34 -17.57
CA VAL A 112 -3.45 27.25 -18.52
C VAL A 112 -4.92 26.85 -18.61
N GLY A 113 -5.51 26.43 -17.50
CA GLY A 113 -6.91 26.00 -17.47
C GLY A 113 -7.14 24.87 -16.49
N ASP A 114 -8.22 24.10 -16.72
CA ASP A 114 -8.57 22.97 -15.86
C ASP A 114 -7.94 21.69 -16.39
N VAL A 115 -6.99 21.12 -15.61
CA VAL A 115 -6.28 19.91 -15.98
C VAL A 115 -7.25 18.75 -16.15
N THR A 116 -7.11 17.98 -17.24
CA THR A 116 -8.00 16.85 -17.51
C THR A 116 -7.31 15.49 -17.36
N ILE A 117 -5.97 15.43 -17.46
CA ILE A 117 -5.26 14.16 -17.25
C ILE A 117 -4.13 14.42 -16.27
N LEU A 118 -4.11 13.70 -15.15
CA LEU A 118 -3.09 13.90 -14.14
C LEU A 118 -2.20 12.67 -14.08
N VAL A 119 -0.89 12.86 -14.28
CA VAL A 119 0.04 11.75 -14.15
C VAL A 119 0.93 11.96 -12.95
N ASN A 120 0.59 11.30 -11.83
CA ASN A 120 1.36 11.36 -10.60
C ASN A 120 2.56 10.46 -10.77
N ASN A 121 3.66 11.02 -11.28
CA ASN A 121 4.88 10.28 -11.57
C ASN A 121 6.00 10.60 -10.60
N ALA A 122 6.07 11.83 -10.04
CA ALA A 122 7.15 12.20 -9.12
C ALA A 122 7.32 11.17 -7.98
N GLY A 123 8.57 10.84 -7.69
CA GLY A 123 8.87 9.86 -6.66
C GLY A 123 10.29 9.97 -6.16
N THR A 124 10.51 9.48 -4.93
CA THR A 124 11.81 9.46 -4.32
C THR A 124 12.11 8.09 -3.74
N VAL A 125 13.41 7.80 -3.49
CA VAL A 125 13.86 6.54 -2.92
C VAL A 125 15.20 6.70 -2.23
N TYR A 126 15.35 6.13 -1.05
CA TYR A 126 16.61 6.19 -0.30
C TYR A 126 16.99 4.76 0.16
N PRO A 127 17.51 3.95 -0.78
CA PRO A 127 17.81 2.55 -0.45
C PRO A 127 18.65 2.32 0.80
N ALA A 128 18.11 1.58 1.78
CA ALA A 128 18.82 1.22 3.01
C ALA A 128 18.04 0.19 3.83
N ASP A 129 18.75 -0.62 4.64
CA ASP A 129 18.06 -1.55 5.54
C ASP A 129 17.35 -0.71 6.61
N LEU A 130 16.26 -1.21 7.20
CA LEU A 130 15.43 -0.42 8.11
C LEU A 130 16.20 0.40 9.15
N LEU A 131 17.18 -0.21 9.81
CA LEU A 131 17.93 0.46 10.85
C LEU A 131 19.01 1.43 10.34
N SER A 132 19.27 1.48 9.03
CA SER A 132 20.18 2.43 8.42
C SER A 132 19.43 3.58 7.76
N THR A 133 18.09 3.50 7.59
CA THR A 133 17.33 4.59 7.01
C THR A 133 17.29 5.77 7.98
N LYS A 134 17.04 6.97 7.46
CA LYS A 134 16.91 8.14 8.31
C LYS A 134 15.42 8.50 8.32
N ASP A 135 14.88 8.93 9.46
CA ASP A 135 13.46 9.28 9.57
C ASP A 135 13.03 10.35 8.55
N GLU A 136 13.94 11.30 8.29
CA GLU A 136 13.79 12.39 7.35
C GLU A 136 13.54 11.82 5.96
N GLU A 137 14.24 10.74 5.59
CA GLU A 137 14.10 10.08 4.29
C GLU A 137 12.81 9.26 4.24
N ILE A 138 12.44 8.57 5.34
CA ILE A 138 11.21 7.80 5.38
C ILE A 138 9.98 8.70 5.17
N THR A 139 9.93 9.83 5.88
CA THR A 139 8.84 10.80 5.75
C THR A 139 8.78 11.40 4.33
N LYS A 140 9.94 11.80 3.78
CA LYS A 140 10.04 12.34 2.42
C LYS A 140 9.59 11.33 1.39
N THR A 141 9.80 10.03 1.62
CA THR A 141 9.35 8.98 0.71
C THR A 141 7.83 9.00 0.66
N PHE A 142 7.17 9.05 1.82
CA PHE A 142 5.71 9.08 1.87
C PHE A 142 5.09 10.37 1.34
N GLU A 143 5.78 11.49 1.56
CA GLU A 143 5.30 12.78 1.13
C GLU A 143 5.22 12.90 -0.39
N ILE A 144 6.25 12.41 -1.08
CA ILE A 144 6.27 12.48 -2.54
C ILE A 144 5.57 11.31 -3.19
N ASN A 145 5.77 10.09 -2.67
CA ASN A 145 5.23 8.90 -3.33
C ASN A 145 3.75 8.63 -3.14
N ILE A 146 3.11 9.16 -2.06
CA ILE A 146 1.68 8.90 -1.87
C ILE A 146 0.90 10.12 -1.36
N LEU A 147 1.38 10.81 -0.30
CA LEU A 147 0.64 11.97 0.22
C LEU A 147 0.41 13.05 -0.85
N GLY A 148 1.44 13.29 -1.66
CA GLY A 148 1.39 14.24 -2.77
C GLY A 148 0.30 13.90 -3.76
N HIS A 149 0.10 12.57 -4.00
CA HIS A 149 -0.97 12.07 -4.88
C HIS A 149 -2.33 12.54 -4.37
N PHE A 150 -2.53 12.49 -3.06
CA PHE A 150 -3.76 12.95 -2.44
C PHE A 150 -3.99 14.44 -2.67
N TRP A 151 -3.00 15.32 -2.39
CA TRP A 151 -3.22 16.76 -2.56
C TRP A 151 -3.41 17.20 -4.00
N ILE A 152 -2.63 16.63 -4.96
CA ILE A 152 -2.79 17.03 -6.36
C ILE A 152 -4.11 16.51 -6.88
N THR A 153 -4.50 15.26 -6.52
CA THR A 153 -5.78 14.72 -6.99
C THR A 153 -6.91 15.51 -6.40
N LYS A 154 -6.86 15.78 -5.08
CA LYS A 154 -7.88 16.58 -4.39
C LYS A 154 -8.07 17.98 -5.03
N ALA A 155 -7.00 18.53 -5.61
CA ALA A 155 -7.03 19.85 -6.20
C ALA A 155 -7.57 19.81 -7.62
N LEU A 156 -7.19 18.77 -8.38
CA LEU A 156 -7.58 18.68 -9.77
C LEU A 156 -8.92 17.98 -10.04
N LEU A 157 -9.37 17.10 -9.14
CA LEU A 157 -10.61 16.33 -9.28
C LEU A 157 -11.92 17.14 -9.42
N PRO A 158 -12.18 18.20 -8.62
CA PRO A 158 -13.47 18.91 -8.74
C PRO A 158 -13.91 19.33 -10.16
N SER A 159 -12.98 19.71 -11.03
CA SER A 159 -13.33 20.09 -12.40
C SER A 159 -13.64 18.83 -13.23
N MET A 160 -12.89 17.74 -13.01
CA MET A 160 -13.11 16.49 -13.72
C MET A 160 -14.50 15.94 -13.38
N ILE A 161 -14.89 15.99 -12.09
CA ILE A 161 -16.20 15.55 -11.63
C ILE A 161 -17.30 16.43 -12.23
N LYS A 162 -17.06 17.75 -12.32
CA LYS A 162 -18.00 18.67 -12.92
C LYS A 162 -18.23 18.33 -14.39
N ARG A 163 -17.15 18.16 -15.15
CA ARG A 163 -17.24 17.86 -16.59
C ARG A 163 -17.40 16.38 -16.91
N ASN A 164 -17.52 15.49 -15.89
CA ASN A 164 -17.58 14.02 -16.00
C ASN A 164 -16.55 13.50 -17.00
N HIS A 165 -15.31 14.00 -16.85
CA HIS A 165 -14.25 13.70 -17.79
C HIS A 165 -12.91 13.97 -17.17
N GLY A 166 -12.11 12.92 -17.08
CA GLY A 166 -10.76 13.01 -16.55
C GLY A 166 -10.05 11.69 -16.55
N HIS A 167 -8.77 11.69 -16.14
CA HIS A 167 -7.99 10.46 -16.07
C HIS A 167 -6.92 10.63 -15.02
N ILE A 168 -6.98 9.81 -13.97
CA ILE A 168 -5.98 9.86 -12.91
C ILE A 168 -5.00 8.69 -13.09
N VAL A 169 -3.78 8.99 -13.51
CA VAL A 169 -2.73 7.98 -13.71
C VAL A 169 -1.81 8.00 -12.50
N THR A 170 -1.71 6.88 -11.80
CA THR A 170 -0.86 6.75 -10.62
C THR A 170 0.36 5.91 -10.98
N VAL A 171 1.55 6.53 -11.09
CA VAL A 171 2.76 5.75 -11.39
C VAL A 171 3.23 5.12 -10.08
N ALA A 172 2.99 3.81 -9.88
CA ALA A 172 3.42 3.14 -8.66
C ALA A 172 4.77 2.34 -8.89
N SER A 173 4.81 0.98 -9.12
CA SER A 173 5.99 0.11 -9.28
C SER A 173 5.58 -1.36 -9.04
N VAL A 174 6.41 -2.35 -9.45
CA VAL A 174 6.13 -3.76 -9.05
C VAL A 174 6.16 -3.85 -7.50
N CYS A 175 6.95 -2.95 -6.82
CA CYS A 175 7.08 -2.75 -5.38
C CYS A 175 5.74 -2.62 -4.71
N GLY A 176 4.76 -2.03 -5.38
CA GLY A 176 3.43 -1.88 -4.80
C GLY A 176 2.63 -3.18 -4.74
N HIS A 177 3.19 -4.27 -5.28
CA HIS A 177 2.58 -5.59 -5.30
C HIS A 177 3.42 -6.64 -4.56
N GLU A 178 4.74 -6.49 -4.59
CA GLU A 178 5.65 -7.42 -3.94
C GLU A 178 6.76 -6.61 -3.25
N GLY A 179 7.20 -7.07 -2.08
CA GLY A 179 8.26 -6.38 -1.35
C GLY A 179 9.63 -6.61 -1.94
N ILE A 180 10.59 -5.77 -1.51
CA ILE A 180 11.99 -5.84 -1.92
C ILE A 180 12.83 -5.55 -0.69
N PRO A 181 13.79 -6.39 -0.31
CA PRO A 181 14.65 -6.08 0.86
C PRO A 181 15.42 -4.78 0.65
N TYR A 182 15.73 -4.07 1.74
CA TYR A 182 16.48 -2.80 1.71
C TYR A 182 15.65 -1.61 1.11
N LEU A 183 14.37 -1.83 0.81
CA LEU A 183 13.51 -0.77 0.27
C LEU A 183 12.17 -0.71 1.01
N ILE A 184 12.13 -1.05 2.31
CA ILE A 184 10.92 -1.09 3.12
C ILE A 184 10.08 0.19 3.03
N PRO A 185 10.60 1.41 3.35
CA PRO A 185 9.75 2.60 3.22
C PRO A 185 9.25 2.81 1.82
N TYR A 186 10.07 2.54 0.82
CA TYR A 186 9.71 2.75 -0.58
C TYR A 186 8.63 1.78 -1.02
N CYS A 187 8.78 0.50 -0.65
CA CYS A 187 7.79 -0.51 -0.99
C CYS A 187 6.45 -0.19 -0.35
N SER A 188 6.49 0.28 0.91
CA SER A 188 5.31 0.66 1.69
C SER A 188 4.58 1.84 1.04
N SER A 189 5.32 2.88 0.61
CA SER A 189 4.73 4.03 -0.09
C SER A 189 4.17 3.61 -1.44
N LYS A 190 4.81 2.66 -2.14
CA LYS A 190 4.30 2.18 -3.42
C LYS A 190 3.06 1.29 -3.26
N PHE A 191 3.00 0.52 -2.18
CA PHE A 191 1.85 -0.29 -1.84
C PHE A 191 0.66 0.66 -1.56
N ALA A 192 0.94 1.80 -0.90
CA ALA A 192 -0.06 2.81 -0.62
C ALA A 192 -0.54 3.46 -1.94
N ALA A 193 0.34 3.62 -2.93
CA ALA A 193 -0.02 4.19 -4.23
C ALA A 193 -0.97 3.24 -4.93
N VAL A 194 -0.71 1.92 -4.90
CA VAL A 194 -1.62 0.93 -5.50
C VAL A 194 -2.98 0.99 -4.82
N GLY A 195 -2.96 1.07 -3.50
CA GLY A 195 -4.17 1.17 -2.70
C GLY A 195 -4.98 2.40 -3.03
N PHE A 196 -4.31 3.55 -3.13
CA PHE A 196 -4.96 4.82 -3.46
C PHE A 196 -5.69 4.71 -4.82
N HIS A 197 -4.99 4.18 -5.84
CA HIS A 197 -5.57 3.94 -7.16
C HIS A 197 -6.76 2.98 -7.11
N ARG A 198 -6.65 1.88 -6.36
CA ARG A 198 -7.72 0.88 -6.32
C ARG A 198 -8.97 1.42 -5.67
N ALA A 199 -8.81 2.12 -4.54
CA ALA A 199 -9.96 2.68 -3.82
C ALA A 199 -10.56 3.85 -4.59
N LEU A 200 -9.70 4.67 -5.24
CA LEU A 200 -10.15 5.81 -6.08
C LEU A 200 -11.07 5.33 -7.18
N THR A 201 -10.67 4.26 -7.88
CA THR A 201 -11.42 3.60 -8.94
C THR A 201 -12.82 3.18 -8.45
N LEU A 202 -12.88 2.47 -7.29
CA LEU A 202 -14.11 1.96 -6.71
C LEU A 202 -15.00 3.06 -6.18
N GLU A 203 -14.41 4.15 -5.63
CA GLU A 203 -15.18 5.28 -5.12
C GLU A 203 -15.80 6.07 -6.28
N LEU A 204 -15.04 6.25 -7.39
CA LEU A 204 -15.55 6.95 -8.57
C LEU A 204 -16.73 6.14 -9.16
N GLN A 205 -16.60 4.81 -9.19
CA GLN A 205 -17.63 3.91 -9.67
C GLN A 205 -18.85 3.98 -8.76
N ALA A 206 -18.64 3.94 -7.42
CA ALA A 206 -19.68 4.02 -6.40
C ALA A 206 -20.46 5.34 -6.50
N LEU A 207 -19.74 6.44 -6.73
CA LEU A 207 -20.36 7.76 -6.86
C LEU A 207 -21.12 7.97 -8.19
N GLY A 208 -20.96 7.05 -9.13
CA GLY A 208 -21.60 7.14 -10.42
C GLY A 208 -20.84 7.97 -11.43
N ILE A 209 -19.59 8.31 -11.13
CA ILE A 209 -18.76 9.09 -12.03
C ILE A 209 -18.19 8.16 -13.11
N THR A 210 -18.86 8.12 -14.24
CA THR A 210 -18.53 7.27 -15.38
C THR A 210 -17.39 7.80 -16.25
N GLY A 211 -17.20 9.12 -16.24
CA GLY A 211 -16.26 9.81 -17.12
C GLY A 211 -14.83 9.97 -16.66
N ILE A 212 -14.53 9.62 -15.42
CA ILE A 212 -13.16 9.75 -14.92
C ILE A 212 -12.52 8.39 -14.85
N LYS A 213 -11.50 8.18 -15.66
CA LYS A 213 -10.78 6.92 -15.74
C LYS A 213 -9.58 6.90 -14.80
N THR A 214 -9.04 5.72 -14.50
CA THR A 214 -7.85 5.57 -13.67
C THR A 214 -6.91 4.54 -14.26
N SER A 215 -5.61 4.77 -14.13
CA SER A 215 -4.57 3.83 -14.56
C SER A 215 -3.49 3.74 -13.49
N CYS A 216 -2.80 2.61 -13.41
CA CYS A 216 -1.74 2.44 -12.42
C CYS A 216 -0.55 1.84 -13.12
N LEU A 217 0.57 2.56 -13.13
CA LEU A 217 1.77 2.09 -13.82
C LEU A 217 2.70 1.38 -12.88
N CYS A 218 2.88 0.08 -13.09
CA CYS A 218 3.74 -0.73 -12.26
C CYS A 218 4.86 -1.38 -13.06
N PRO A 219 5.93 -0.63 -13.33
CA PRO A 219 7.05 -1.23 -14.08
C PRO A 219 8.06 -1.90 -13.14
N VAL A 220 8.88 -2.78 -13.72
CA VAL A 220 9.97 -3.42 -13.00
C VAL A 220 11.17 -2.40 -13.00
N PHE A 221 12.43 -2.83 -12.77
CA PHE A 221 13.54 -1.90 -12.77
C PHE A 221 13.71 -1.26 -14.16
N VAL A 222 13.72 0.08 -14.20
CA VAL A 222 13.91 0.87 -15.42
C VAL A 222 15.22 1.64 -15.27
N ASN A 223 16.07 1.60 -16.32
CA ASN A 223 17.39 2.22 -16.41
C ASN A 223 17.34 3.75 -16.48
N THR A 224 16.82 4.40 -15.43
CA THR A 224 16.69 5.86 -15.36
C THR A 224 17.62 6.51 -14.32
N GLY A 225 18.43 5.71 -13.64
CA GLY A 225 19.31 6.19 -12.60
C GLY A 225 18.57 6.51 -11.31
N PHE A 226 17.29 6.08 -11.21
CA PHE A 226 16.48 6.27 -10.01
C PHE A 226 17.15 5.51 -8.84
N THR A 227 17.69 4.31 -9.12
CA THR A 227 18.46 3.44 -8.24
C THR A 227 19.61 2.84 -9.07
N LYS A 228 20.69 2.36 -8.42
CA LYS A 228 21.85 1.85 -9.16
C LYS A 228 21.66 0.48 -9.85
N ASN A 229 20.97 -0.50 -9.21
CA ASN A 229 20.81 -1.83 -9.79
C ASN A 229 19.45 -2.47 -9.50
N PRO A 230 18.95 -3.38 -10.36
CA PRO A 230 17.70 -4.09 -10.04
C PRO A 230 17.87 -5.05 -8.87
N SER A 231 16.78 -5.35 -8.16
CA SER A 231 16.84 -6.27 -7.02
C SER A 231 17.06 -7.71 -7.46
N THR A 232 16.54 -8.09 -8.63
CA THR A 232 16.70 -9.46 -9.14
C THR A 232 17.40 -9.48 -10.51
N ARG A 233 17.93 -10.67 -10.90
CA ARG A 233 18.61 -10.95 -12.18
C ARG A 233 17.72 -10.74 -13.41
N LEU A 234 17.53 -9.48 -13.79
CA LEU A 234 16.74 -9.12 -14.96
C LEU A 234 17.75 -8.74 -16.02
N TRP A 235 17.99 -9.65 -16.98
CA TRP A 235 19.00 -9.42 -18.02
C TRP A 235 18.49 -8.59 -19.21
N PRO A 236 17.21 -8.65 -19.64
CA PRO A 236 16.75 -7.73 -20.69
C PRO A 236 16.15 -6.49 -19.99
N ILE A 237 17.01 -5.57 -19.45
CA ILE A 237 16.60 -4.38 -18.67
C ILE A 237 15.65 -3.43 -19.46
N LEU A 238 14.72 -2.81 -18.73
CA LEU A 238 13.76 -1.88 -19.28
C LEU A 238 14.33 -0.51 -19.60
N GLU A 239 14.25 -0.11 -20.88
CA GLU A 239 14.64 1.22 -21.31
C GLU A 239 13.49 2.20 -21.06
N THR A 240 13.84 3.42 -20.66
CA THR A 240 12.92 4.50 -20.32
C THR A 240 11.80 4.77 -21.37
N ASP A 241 12.17 4.79 -22.67
CA ASP A 241 11.23 5.02 -23.77
C ASP A 241 10.19 3.92 -23.93
N THR A 242 10.52 2.70 -23.50
CA THR A 242 9.60 1.57 -23.59
C THR A 242 8.48 1.75 -22.58
N VAL A 243 8.82 2.15 -21.36
CA VAL A 243 7.85 2.36 -20.30
C VAL A 243 6.90 3.51 -20.63
N ALA A 244 7.39 4.53 -21.36
CA ALA A 244 6.57 5.65 -21.79
C ALA A 244 5.55 5.17 -22.82
N ARG A 245 5.98 4.29 -23.75
CA ARG A 245 5.11 3.71 -24.77
C ARG A 245 4.06 2.81 -24.13
N SER A 246 4.45 2.03 -23.12
CA SER A 246 3.55 1.14 -22.38
C SER A 246 2.50 1.92 -21.61
N LEU A 247 2.89 3.05 -20.99
CA LEU A 247 1.97 3.91 -20.25
C LEU A 247 0.98 4.62 -21.19
N ILE A 248 1.46 5.16 -22.33
CA ILE A 248 0.56 5.84 -23.26
C ILE A 248 -0.44 4.86 -23.86
N ASP A 249 -0.02 3.62 -24.17
CA ASP A 249 -0.93 2.61 -24.68
C ASP A 249 -2.01 2.29 -23.64
N GLY A 250 -1.60 2.16 -22.38
CA GLY A 250 -2.49 1.89 -21.27
C GLY A 250 -3.53 2.98 -21.07
N ILE A 251 -3.08 4.24 -21.02
CA ILE A 251 -3.97 5.39 -20.89
C ILE A 251 -4.96 5.46 -22.04
N LEU A 252 -4.48 5.37 -23.29
CA LEU A 252 -5.37 5.44 -24.46
C LEU A 252 -6.39 4.31 -24.53
N THR A 253 -6.12 3.18 -23.87
CA THR A 253 -7.07 2.07 -23.86
C THR A 253 -7.78 1.90 -22.51
N ASN A 254 -7.62 2.86 -21.59
CA ASN A 254 -8.24 2.88 -20.27
C ASN A 254 -7.89 1.68 -19.40
N LYS A 255 -6.66 1.15 -19.57
CA LYS A 255 -6.17 0.02 -18.79
C LYS A 255 -5.96 0.47 -17.35
N LYS A 256 -6.61 -0.20 -16.40
CA LYS A 256 -6.55 0.15 -15.00
C LYS A 256 -5.24 -0.24 -14.32
N MET A 257 -4.74 -1.45 -14.56
CA MET A 257 -3.50 -1.91 -13.94
C MET A 257 -2.52 -2.27 -15.04
N ILE A 258 -1.61 -1.35 -15.32
CA ILE A 258 -0.61 -1.49 -16.39
C ILE A 258 0.71 -2.00 -15.80
N PHE A 259 1.12 -3.20 -16.18
CA PHE A 259 2.40 -3.74 -15.72
C PHE A 259 3.42 -3.62 -16.84
N VAL A 260 4.67 -3.23 -16.51
CA VAL A 260 5.71 -3.12 -17.54
C VAL A 260 6.90 -3.97 -17.13
N PRO A 261 7.14 -5.13 -17.78
CA PRO A 261 6.39 -5.71 -18.89
C PRO A 261 5.10 -6.42 -18.47
N SER A 262 4.09 -6.35 -19.35
CA SER A 262 2.74 -6.86 -19.17
C SER A 262 2.65 -8.23 -18.50
N TYR A 263 3.49 -9.18 -18.91
CA TYR A 263 3.46 -10.53 -18.36
C TYR A 263 3.71 -10.63 -16.84
N TYR A 264 4.04 -9.53 -16.14
CA TYR A 264 4.22 -9.61 -14.68
C TYR A 264 2.89 -9.81 -13.93
N ASN A 265 1.75 -9.51 -14.58
CA ASN A 265 0.42 -9.70 -14.00
C ASN A 265 0.15 -11.18 -13.69
N ILE A 266 0.60 -12.12 -14.53
CA ILE A 266 0.39 -13.53 -14.24
C ILE A 266 1.41 -14.05 -13.25
N TYR A 267 2.64 -13.52 -13.28
CA TYR A 267 3.67 -13.94 -12.34
C TYR A 267 3.28 -13.53 -10.92
N LEU A 268 2.75 -12.32 -10.75
CA LEU A 268 2.34 -11.81 -9.44
C LEU A 268 1.05 -12.48 -8.92
N ILE A 269 0.13 -12.81 -9.84
CA ILE A 269 -1.09 -13.53 -9.49
C ILE A 269 -0.72 -14.96 -9.05
N LEU A 270 0.26 -15.56 -9.76
CA LEU A 270 0.81 -16.90 -9.49
C LEU A 270 1.58 -16.94 -8.16
N ASP A 271 2.24 -15.84 -7.80
CA ASP A 271 3.03 -15.73 -6.57
C ASP A 271 2.19 -15.94 -5.31
N LYS A 272 0.91 -15.52 -5.36
CA LYS A 272 -0.03 -15.60 -4.23
C LYS A 272 -0.58 -17.03 -3.90
N PHE A 273 0.30 -18.09 -3.78
CA PHE A 273 -0.07 -19.48 -3.44
C PHE A 273 0.92 -20.15 -2.45
N LEU A 274 0.43 -21.09 -1.59
CA LEU A 274 1.14 -21.83 -0.51
C LEU A 274 1.73 -20.88 0.54
N ILE B 5 -21.94 -15.93 -16.89
CA ILE B 5 -22.12 -16.10 -15.45
C ILE B 5 -22.56 -17.53 -15.10
N LEU B 6 -23.29 -18.21 -16.01
CA LEU B 6 -23.76 -19.58 -15.79
C LEU B 6 -22.61 -20.58 -15.66
N ASP B 7 -21.64 -20.52 -16.58
CA ASP B 7 -20.47 -21.41 -16.54
C ASP B 7 -19.34 -20.85 -15.67
N LEU B 8 -19.32 -19.54 -15.41
CA LEU B 8 -18.31 -18.89 -14.59
C LEU B 8 -18.52 -19.16 -13.10
N LEU B 9 -19.79 -19.29 -12.67
CA LEU B 9 -20.11 -19.58 -11.27
C LEU B 9 -19.71 -21.02 -10.90
N LEU B 10 -19.91 -21.95 -11.83
CA LEU B 10 -19.55 -23.36 -11.64
C LEU B 10 -18.04 -23.60 -11.71
N LEU B 11 -17.29 -22.71 -12.37
CA LEU B 11 -15.82 -22.79 -12.43
C LEU B 11 -15.22 -22.31 -11.11
N LEU B 12 -15.82 -21.28 -10.50
CA LEU B 12 -15.38 -20.76 -9.22
C LEU B 12 -15.77 -21.71 -8.09
N LEU B 13 -16.93 -22.40 -8.21
CA LEU B 13 -17.38 -23.36 -7.20
C LEU B 13 -16.42 -24.55 -7.14
N THR B 14 -16.02 -25.08 -8.31
CA THR B 14 -15.06 -26.19 -8.36
C THR B 14 -13.68 -25.77 -7.86
N ILE B 15 -13.31 -24.49 -8.05
CA ILE B 15 -12.07 -23.92 -7.58
C ILE B 15 -12.08 -23.92 -6.04
N ILE B 16 -13.08 -23.27 -5.41
CA ILE B 16 -13.20 -23.18 -3.96
C ILE B 16 -13.24 -24.57 -3.27
N TYR B 17 -13.81 -25.60 -3.93
CA TYR B 17 -13.85 -26.97 -3.36
C TYR B 17 -12.42 -27.54 -3.22
N SER B 18 -11.62 -27.44 -4.28
CA SER B 18 -10.24 -27.93 -4.31
C SER B 18 -9.25 -27.07 -3.52
N TYR B 19 -9.60 -25.80 -3.25
CA TYR B 19 -8.72 -24.92 -2.47
C TYR B 19 -8.86 -25.23 -0.99
N LEU B 20 -10.11 -25.42 -0.52
CA LEU B 20 -10.34 -25.80 0.88
C LEU B 20 -10.04 -27.31 1.15
N GLU B 21 -9.71 -28.09 0.09
CA GLU B 21 -9.28 -29.48 0.18
C GLU B 21 -7.74 -29.56 0.24
N ALA B 22 -7.02 -28.56 -0.35
CA ALA B 22 -5.57 -28.47 -0.32
C ALA B 22 -5.12 -27.95 1.04
N LEU B 23 -5.85 -26.96 1.61
CA LEU B 23 -5.55 -26.42 2.95
C LEU B 23 -5.90 -27.42 4.07
N VAL B 24 -6.71 -28.46 3.77
CA VAL B 24 -7.11 -29.51 4.69
C VAL B 24 -6.05 -30.65 4.71
N LYS B 25 -5.34 -30.89 3.58
CA LYS B 25 -4.28 -31.90 3.52
C LYS B 25 -3.06 -31.40 4.29
N VAL B 26 -2.72 -30.12 4.11
CA VAL B 26 -1.61 -29.45 4.79
C VAL B 26 -1.93 -29.14 6.29
N PHE B 27 -3.22 -29.22 6.69
CA PHE B 27 -3.75 -28.93 8.02
C PHE B 27 -3.18 -29.79 9.17
N PHE B 28 -2.32 -30.82 8.91
CA PHE B 28 -1.75 -31.62 10.03
C PHE B 28 -1.04 -30.70 11.07
N PRO B 29 -1.30 -30.97 12.37
CA PRO B 29 -0.83 -30.10 13.46
C PRO B 29 0.31 -29.09 13.23
N ARG B 30 -0.03 -27.78 13.17
CA ARG B 30 0.99 -26.73 13.11
C ARG B 30 1.42 -26.46 14.56
N LYS B 31 2.73 -26.44 14.82
CA LYS B 31 3.28 -26.27 16.17
C LYS B 31 2.93 -24.93 16.80
N ARG B 32 2.43 -25.00 18.05
CA ARG B 32 2.02 -23.84 18.84
C ARG B 32 3.18 -23.51 19.80
N LYS B 33 3.65 -22.25 19.77
CA LYS B 33 4.78 -21.84 20.60
C LYS B 33 4.38 -21.27 21.97
N SER B 34 5.36 -20.99 22.83
CA SER B 34 5.06 -20.38 24.11
C SER B 34 5.50 -18.93 24.12
N VAL B 35 4.59 -18.04 24.49
CA VAL B 35 4.93 -16.62 24.63
C VAL B 35 4.99 -16.20 26.12
N ALA B 36 5.07 -17.18 27.04
CA ALA B 36 5.17 -16.98 28.47
C ALA B 36 6.51 -16.34 28.77
N GLY B 37 6.47 -15.24 29.53
CA GLY B 37 7.67 -14.51 29.90
C GLY B 37 8.21 -13.56 28.86
N GLU B 38 7.62 -13.55 27.66
CA GLU B 38 8.01 -12.66 26.59
C GLU B 38 7.49 -11.26 26.90
N ILE B 39 8.25 -10.22 26.57
CA ILE B 39 7.76 -8.86 26.75
C ILE B 39 6.99 -8.50 25.49
N VAL B 40 5.67 -8.28 25.63
CA VAL B 40 4.75 -7.96 24.54
C VAL B 40 4.27 -6.51 24.64
N LEU B 41 4.49 -5.72 23.57
CA LEU B 41 4.03 -4.33 23.52
C LEU B 41 2.84 -4.25 22.59
N ILE B 42 1.66 -3.86 23.11
CA ILE B 42 0.48 -3.73 22.26
C ILE B 42 0.06 -2.29 22.14
N THR B 43 0.07 -1.76 20.91
CA THR B 43 -0.36 -0.38 20.69
C THR B 43 -1.87 -0.36 20.47
N GLY B 44 -2.53 0.72 20.86
CA GLY B 44 -3.97 0.84 20.74
C GLY B 44 -4.70 -0.22 21.53
N ALA B 45 -4.21 -0.52 22.73
CA ALA B 45 -4.75 -1.56 23.62
C ALA B 45 -5.87 -1.10 24.55
N GLY B 46 -6.28 0.15 24.46
CA GLY B 46 -7.33 0.70 25.30
C GLY B 46 -8.75 0.29 24.92
N HIS B 47 -8.92 -0.47 23.82
CA HIS B 47 -10.22 -0.92 23.32
C HIS B 47 -10.04 -1.91 22.14
N GLY B 48 -11.12 -2.58 21.78
CA GLY B 48 -11.21 -3.45 20.62
C GLY B 48 -10.16 -4.53 20.46
N ILE B 49 -9.71 -4.77 19.21
CA ILE B 49 -8.73 -5.80 18.85
C ILE B 49 -7.51 -5.80 19.79
N GLY B 50 -7.01 -4.61 20.08
CA GLY B 50 -5.87 -4.42 20.97
C GLY B 50 -6.16 -4.86 22.37
N ARG B 51 -7.29 -4.41 22.94
CA ARG B 51 -7.70 -4.78 24.29
C ARG B 51 -7.85 -6.30 24.44
N TRP B 52 -8.51 -6.95 23.47
CA TRP B 52 -8.74 -8.39 23.56
C TRP B 52 -7.47 -9.20 23.23
N THR B 53 -6.55 -8.64 22.42
CA THR B 53 -5.25 -9.27 22.14
C THR B 53 -4.46 -9.29 23.46
N ALA B 54 -4.52 -8.20 24.25
CA ALA B 54 -3.86 -8.09 25.55
C ALA B 54 -4.39 -9.15 26.51
N TYR B 55 -5.70 -9.42 26.49
CA TYR B 55 -6.29 -10.44 27.33
C TYR B 55 -5.79 -11.82 26.90
N GLU B 56 -5.64 -12.05 25.58
CA GLU B 56 -5.15 -13.33 25.09
C GLU B 56 -3.72 -13.57 25.50
N PHE B 57 -2.89 -12.51 25.43
CA PHE B 57 -1.50 -12.57 25.85
C PHE B 57 -1.38 -12.73 27.36
N ALA B 58 -2.31 -12.14 28.12
CA ALA B 58 -2.33 -12.29 29.58
C ALA B 58 -2.59 -13.74 29.95
N LYS B 59 -3.56 -14.42 29.28
CA LYS B 59 -3.82 -15.84 29.54
C LYS B 59 -2.58 -16.69 29.19
N GLN B 60 -1.81 -16.25 28.14
CA GLN B 60 -0.58 -16.88 27.64
C GLN B 60 0.65 -16.71 28.57
N LYS B 61 0.49 -15.98 29.69
CA LYS B 61 1.49 -15.72 30.73
C LYS B 61 2.66 -14.83 30.24
N SER B 62 2.37 -13.87 29.33
CA SER B 62 3.35 -12.92 28.80
C SER B 62 3.49 -11.69 29.72
N ARG B 63 4.59 -10.94 29.59
CA ARG B 63 4.78 -9.68 30.31
C ARG B 63 4.24 -8.61 29.37
N LEU B 64 3.25 -7.87 29.84
CA LEU B 64 2.55 -6.91 29.00
C LEU B 64 2.96 -5.47 29.17
N VAL B 65 3.00 -4.76 28.05
CA VAL B 65 3.26 -3.34 27.99
C VAL B 65 2.17 -2.84 27.05
N LEU B 66 1.31 -1.97 27.57
CA LEU B 66 0.18 -1.48 26.83
C LEU B 66 0.27 0.00 26.53
N TRP B 67 0.05 0.38 25.26
CA TRP B 67 0.14 1.76 24.78
C TRP B 67 -1.16 2.26 24.20
N ASP B 68 -1.46 3.55 24.39
CA ASP B 68 -2.67 4.17 23.85
C ASP B 68 -2.76 5.64 24.27
N ILE B 69 -3.43 6.45 23.44
CA ILE B 69 -3.69 7.86 23.75
C ILE B 69 -4.76 7.97 24.86
N ASN B 70 -5.66 6.97 24.96
CA ASN B 70 -6.73 6.85 25.95
C ASN B 70 -6.19 6.21 27.27
N LYS B 71 -5.83 7.07 28.23
CA LYS B 71 -5.30 6.66 29.53
C LYS B 71 -6.30 5.80 30.30
N HIS B 72 -7.57 6.21 30.36
CA HIS B 72 -8.59 5.46 31.07
C HIS B 72 -8.78 4.05 30.50
N GLY B 73 -8.90 3.95 29.19
CA GLY B 73 -9.12 2.69 28.52
C GLY B 73 -7.98 1.72 28.69
N VAL B 74 -6.75 2.21 28.58
CA VAL B 74 -5.58 1.34 28.70
C VAL B 74 -5.43 0.83 30.13
N GLU B 75 -5.82 1.63 31.12
CA GLU B 75 -5.79 1.24 32.52
C GLU B 75 -6.90 0.22 32.81
N GLU B 76 -8.06 0.39 32.20
CA GLU B 76 -9.18 -0.54 32.32
C GLU B 76 -8.77 -1.90 31.72
N THR B 77 -8.01 -1.90 30.60
CA THR B 77 -7.52 -3.12 29.98
C THR B 77 -6.50 -3.80 30.92
N ALA B 78 -5.53 -3.03 31.44
CA ALA B 78 -4.50 -3.54 32.34
C ALA B 78 -5.08 -4.14 33.61
N ALA B 79 -6.16 -3.53 34.14
CA ALA B 79 -6.82 -4.03 35.34
C ALA B 79 -7.37 -5.42 35.12
N GLU B 80 -7.97 -5.66 33.96
CA GLU B 80 -8.54 -6.96 33.63
C GLU B 80 -7.43 -7.97 33.25
N CYS B 81 -6.28 -7.49 32.72
CA CYS B 81 -5.15 -8.36 32.40
C CYS B 81 -4.46 -8.80 33.69
N ARG B 82 -4.40 -7.91 34.70
CA ARG B 82 -3.86 -8.22 36.01
C ARG B 82 -4.76 -9.21 36.72
N LYS B 83 -6.09 -9.13 36.52
CA LYS B 83 -7.01 -10.11 37.07
C LYS B 83 -6.72 -11.51 36.46
N LEU B 84 -6.22 -11.55 35.20
CA LEU B 84 -5.85 -12.77 34.51
C LEU B 84 -4.51 -13.38 34.95
N GLY B 85 -3.76 -12.67 35.80
CA GLY B 85 -2.49 -13.14 36.34
C GLY B 85 -1.23 -12.55 35.72
N ALA B 86 -1.38 -11.65 34.74
CA ALA B 86 -0.22 -11.08 34.06
C ALA B 86 0.33 -9.80 34.72
N THR B 87 1.63 -9.49 34.48
CA THR B 87 2.27 -8.25 34.89
C THR B 87 2.10 -7.27 33.71
N VAL B 88 1.53 -6.10 33.98
CA VAL B 88 1.24 -5.12 32.92
C VAL B 88 1.78 -3.75 33.24
N HIS B 89 2.32 -3.07 32.25
CA HIS B 89 2.82 -1.73 32.38
C HIS B 89 2.11 -0.90 31.33
N THR B 90 1.38 0.16 31.72
CA THR B 90 0.68 1.00 30.74
C THR B 90 1.40 2.32 30.52
N PHE B 91 1.40 2.81 29.25
CA PHE B 91 2.04 4.07 28.88
C PHE B 91 1.12 4.86 27.97
N VAL B 92 0.82 6.12 28.33
CA VAL B 92 0.01 6.97 27.49
C VAL B 92 0.92 7.47 26.37
N VAL B 93 0.89 6.77 25.23
CA VAL B 93 1.77 7.13 24.11
C VAL B 93 0.97 7.42 22.86
N ASP B 94 1.27 8.53 22.18
CA ASP B 94 0.67 8.84 20.89
C ASP B 94 1.50 8.10 19.86
N CYS B 95 0.91 7.05 19.28
CA CYS B 95 1.60 6.18 18.35
C CYS B 95 1.68 6.71 16.89
N GLY B 96 1.29 7.96 16.69
CA GLY B 96 1.47 8.64 15.41
C GLY B 96 2.58 9.68 15.48
N ASN B 97 3.13 9.90 16.69
CA ASN B 97 4.16 10.87 17.03
C ASN B 97 5.52 10.19 17.24
N ARG B 98 6.46 10.45 16.33
CA ARG B 98 7.81 9.89 16.32
C ARG B 98 8.58 10.19 17.61
N GLU B 99 8.51 11.45 18.09
CA GLU B 99 9.19 11.91 19.30
C GLU B 99 8.65 11.17 20.52
N ASP B 100 7.31 11.10 20.64
CA ASP B 100 6.62 10.44 21.73
C ASP B 100 7.01 8.97 21.79
N ILE B 101 7.03 8.27 20.65
CA ILE B 101 7.39 6.87 20.58
C ILE B 101 8.84 6.67 21.04
N TYR B 102 9.78 7.46 20.50
CA TYR B 102 11.18 7.33 20.86
C TYR B 102 11.44 7.56 22.33
N ASN B 103 10.73 8.52 22.93
CA ASN B 103 10.89 8.81 24.36
C ASN B 103 10.25 7.71 25.22
N SER B 104 9.10 7.19 24.79
CA SER B 104 8.41 6.14 25.49
C SER B 104 9.16 4.81 25.44
N VAL B 105 9.92 4.55 24.35
CA VAL B 105 10.76 3.35 24.29
C VAL B 105 11.86 3.45 25.34
N LYS B 106 12.43 4.66 25.54
CA LYS B 106 13.44 4.87 26.59
C LYS B 106 12.86 4.53 27.98
N GLN B 107 11.57 4.84 28.20
CA GLN B 107 10.86 4.54 29.44
C GLN B 107 10.66 3.03 29.56
N VAL B 108 10.19 2.35 28.47
CA VAL B 108 9.97 0.90 28.44
C VAL B 108 11.25 0.15 28.77
N LYS B 109 12.39 0.56 28.21
CA LYS B 109 13.67 -0.10 28.49
C LYS B 109 14.08 0.07 29.96
N LYS B 110 13.82 1.26 30.52
CA LYS B 110 14.15 1.56 31.91
C LYS B 110 13.25 0.80 32.90
N GLU B 111 11.95 0.73 32.67
CA GLU B 111 11.00 0.13 33.59
C GLU B 111 10.64 -1.32 33.37
N VAL B 112 10.76 -1.79 32.13
CA VAL B 112 10.33 -3.14 31.80
C VAL B 112 11.45 -4.01 31.23
N GLY B 113 12.06 -3.59 30.12
CA GLY B 113 13.13 -4.33 29.47
C GLY B 113 13.09 -4.20 27.97
N ASP B 114 13.66 -5.18 27.26
CA ASP B 114 13.69 -5.19 25.79
C ASP B 114 12.50 -5.97 25.27
N VAL B 115 11.59 -5.26 24.58
CA VAL B 115 10.38 -5.82 24.01
C VAL B 115 10.72 -6.90 23.01
N THR B 116 10.03 -8.05 23.11
CA THR B 116 10.27 -9.18 22.22
C THR B 116 9.12 -9.42 21.24
N ILE B 117 7.89 -8.96 21.52
CA ILE B 117 6.77 -9.10 20.58
C ILE B 117 6.12 -7.73 20.45
N LEU B 118 6.03 -7.21 19.22
CA LEU B 118 5.44 -5.90 18.99
C LEU B 118 4.16 -6.07 18.20
N VAL B 119 3.02 -5.60 18.74
CA VAL B 119 1.74 -5.68 18.02
C VAL B 119 1.30 -4.28 17.64
N ASN B 120 1.59 -3.90 16.38
CA ASN B 120 1.23 -2.61 15.82
C ASN B 120 -0.26 -2.60 15.49
N ASN B 121 -1.08 -2.37 16.55
CA ASN B 121 -2.54 -2.38 16.45
C ASN B 121 -3.15 -1.00 16.26
N ALA B 122 -2.66 0.03 16.98
CA ALA B 122 -3.21 1.39 16.91
C ALA B 122 -3.50 1.86 15.48
N GLY B 123 -4.68 2.44 15.32
CA GLY B 123 -5.15 2.89 14.03
C GLY B 123 -6.25 3.92 14.11
N THR B 124 -6.37 4.72 13.04
CA THR B 124 -7.40 5.74 12.93
C THR B 124 -8.09 5.66 11.59
N VAL B 125 -9.31 6.24 11.49
CA VAL B 125 -10.11 6.26 10.27
C VAL B 125 -11.07 7.42 10.27
N TYR B 126 -11.19 8.12 9.14
CA TYR B 126 -12.11 9.25 9.03
C TYR B 126 -12.95 9.07 7.75
N PRO B 127 -13.95 8.18 7.80
CA PRO B 127 -14.76 7.89 6.61
C PRO B 127 -15.33 9.09 5.87
N ALA B 128 -14.94 9.27 4.60
CA ALA B 128 -15.45 10.35 3.73
C ALA B 128 -14.99 10.17 2.29
N ASP B 129 -15.77 10.69 1.33
CA ASP B 129 -15.32 10.66 -0.07
C ASP B 129 -14.11 11.59 -0.18
N LEU B 130 -13.20 11.35 -1.14
CA LEU B 130 -11.96 12.10 -1.24
C LEU B 130 -12.10 13.62 -1.09
N LEU B 131 -13.08 14.22 -1.78
CA LEU B 131 -13.25 15.67 -1.72
C LEU B 131 -13.93 16.20 -0.44
N SER B 132 -14.42 15.31 0.42
CA SER B 132 -14.97 15.67 1.73
C SER B 132 -13.98 15.42 2.85
N THR B 133 -12.85 14.70 2.59
CA THR B 133 -11.81 14.45 3.59
C THR B 133 -11.08 15.77 3.87
N LYS B 134 -10.46 15.85 5.01
CA LYS B 134 -9.66 17.01 5.39
C LYS B 134 -8.19 16.56 5.38
N ASP B 135 -7.27 17.44 4.96
CA ASP B 135 -5.85 17.09 4.89
C ASP B 135 -5.29 16.64 6.23
N GLU B 136 -5.77 17.25 7.31
CA GLU B 136 -5.44 16.97 8.71
C GLU B 136 -5.74 15.52 9.02
N GLU B 137 -6.87 15.01 8.49
CA GLU B 137 -7.30 13.63 8.70
C GLU B 137 -6.49 12.66 7.86
N ILE B 138 -6.20 13.05 6.59
CA ILE B 138 -5.39 12.21 5.71
C ILE B 138 -4.00 11.96 6.30
N THR B 139 -3.31 13.03 6.75
CA THR B 139 -2.00 12.95 7.36
C THR B 139 -2.02 12.10 8.65
N LYS B 140 -3.01 12.35 9.52
CA LYS B 140 -3.18 11.60 10.76
C LYS B 140 -3.41 10.12 10.51
N THR B 141 -4.08 9.77 9.41
CA THR B 141 -4.31 8.38 9.04
C THR B 141 -2.98 7.72 8.75
N PHE B 142 -2.11 8.38 7.98
CA PHE B 142 -0.81 7.82 7.65
C PHE B 142 0.17 7.77 8.84
N GLU B 143 0.08 8.76 9.73
CA GLU B 143 0.93 8.86 10.88
C GLU B 143 0.71 7.71 11.86
N ILE B 144 -0.56 7.35 12.10
CA ILE B 144 -0.86 6.28 13.03
C ILE B 144 -0.86 4.91 12.37
N ASN B 145 -1.42 4.82 11.16
CA ASN B 145 -1.59 3.52 10.51
C ASN B 145 -0.34 2.92 9.86
N ILE B 146 0.69 3.75 9.52
CA ILE B 146 1.89 3.19 8.89
C ILE B 146 3.19 3.85 9.35
N LEU B 147 3.28 5.19 9.37
CA LEU B 147 4.52 5.85 9.80
C LEU B 147 4.94 5.46 11.19
N GLY B 148 3.96 5.37 12.10
CA GLY B 148 4.15 4.95 13.48
C GLY B 148 4.76 3.57 13.55
N HIS B 149 4.32 2.66 12.64
CA HIS B 149 4.87 1.30 12.55
C HIS B 149 6.37 1.34 12.30
N PHE B 150 6.82 2.26 11.45
CA PHE B 150 8.24 2.44 11.17
C PHE B 150 9.01 2.87 12.40
N TRP B 151 8.56 3.92 13.14
CA TRP B 151 9.32 4.39 14.32
C TRP B 151 9.34 3.40 15.48
N ILE B 152 8.21 2.72 15.76
CA ILE B 152 8.19 1.76 16.85
C ILE B 152 9.04 0.55 16.49
N THR B 153 8.94 0.07 15.22
CA THR B 153 9.75 -1.07 14.81
C THR B 153 11.20 -0.71 14.81
N LYS B 154 11.57 0.47 14.27
CA LYS B 154 12.96 0.95 14.27
C LYS B 154 13.56 1.04 15.67
N ALA B 155 12.71 1.30 16.66
CA ALA B 155 13.16 1.45 18.04
C ALA B 155 13.30 0.09 18.72
N LEU B 156 12.37 -0.82 18.45
CA LEU B 156 12.36 -2.11 19.11
C LEU B 156 13.16 -3.20 18.41
N LEU B 157 13.38 -3.06 17.09
CA LEU B 157 14.08 -4.04 16.26
C LEU B 157 15.56 -4.27 16.58
N PRO B 158 16.39 -3.25 16.91
CA PRO B 158 17.80 -3.54 17.25
C PRO B 158 18.02 -4.64 18.29
N SER B 159 17.23 -4.64 19.39
CA SER B 159 17.40 -5.67 20.44
C SER B 159 16.98 -7.05 19.94
N MET B 160 15.95 -7.10 19.08
CA MET B 160 15.47 -8.37 18.53
C MET B 160 16.57 -8.96 17.64
N ILE B 161 17.16 -8.12 16.78
CA ILE B 161 18.25 -8.53 15.90
C ILE B 161 19.44 -9.01 16.71
N LYS B 162 19.76 -8.32 17.81
CA LYS B 162 20.85 -8.71 18.70
C LYS B 162 20.57 -10.10 19.27
N ARG B 163 19.38 -10.32 19.83
CA ARG B 163 19.06 -11.62 20.45
C ARG B 163 18.54 -12.68 19.47
N ASN B 164 18.48 -12.37 18.15
CA ASN B 164 17.92 -13.21 17.06
C ASN B 164 16.59 -13.83 17.50
N HIS B 165 15.73 -12.99 18.07
CA HIS B 165 14.47 -13.42 18.63
C HIS B 165 13.51 -12.26 18.74
N GLY B 166 12.39 -12.37 18.06
CA GLY B 166 11.37 -11.35 18.09
C GLY B 166 10.18 -11.69 17.21
N HIS B 167 9.13 -10.87 17.26
CA HIS B 167 7.94 -11.09 16.44
C HIS B 167 7.29 -9.75 16.16
N ILE B 168 7.24 -9.35 14.90
CA ILE B 168 6.62 -8.09 14.52
C ILE B 168 5.24 -8.40 13.94
N VAL B 169 4.16 -8.08 14.68
CA VAL B 169 2.78 -8.27 14.25
C VAL B 169 2.25 -6.96 13.73
N THR B 170 1.85 -6.90 12.46
CA THR B 170 1.31 -5.70 11.84
C THR B 170 -0.19 -5.86 11.68
N VAL B 171 -1.01 -5.15 12.47
CA VAL B 171 -2.46 -5.24 12.31
C VAL B 171 -2.85 -4.35 11.15
N ALA B 172 -3.14 -4.93 9.96
CA ALA B 172 -3.54 -4.12 8.82
C ALA B 172 -5.12 -4.13 8.62
N SER B 173 -5.76 -4.95 7.71
CA SER B 173 -7.20 -5.00 7.40
C SER B 173 -7.39 -5.67 6.03
N VAL B 174 -8.63 -6.12 5.68
CA VAL B 174 -8.91 -6.58 4.31
C VAL B 174 -8.65 -5.41 3.31
N CYS B 175 -8.79 -4.15 3.79
CA CYS B 175 -8.51 -2.90 3.11
C CYS B 175 -7.12 -2.87 2.52
N GLY B 176 -6.14 -3.51 3.16
CA GLY B 176 -4.79 -3.56 2.64
C GLY B 176 -4.61 -4.44 1.42
N HIS B 177 -5.68 -5.15 1.01
CA HIS B 177 -5.68 -6.03 -0.14
C HIS B 177 -6.71 -5.61 -1.20
N GLU B 178 -7.82 -5.04 -0.76
CA GLU B 178 -8.87 -4.60 -1.66
C GLU B 178 -9.37 -3.22 -1.21
N GLY B 179 -9.71 -2.36 -2.15
CA GLY B 179 -10.20 -1.02 -1.85
C GLY B 179 -11.63 -1.02 -1.36
N ILE B 180 -12.03 0.10 -0.74
CA ILE B 180 -13.40 0.31 -0.25
C ILE B 180 -13.75 1.76 -0.58
N PRO B 181 -14.87 2.05 -1.25
CA PRO B 181 -15.25 3.45 -1.51
C PRO B 181 -15.43 4.23 -0.21
N TYR B 182 -15.17 5.54 -0.24
CA TYR B 182 -15.30 6.44 0.91
C TYR B 182 -14.22 6.21 2.00
N LEU B 183 -13.23 5.33 1.73
CA LEU B 183 -12.16 5.07 2.69
C LEU B 183 -10.78 5.11 2.01
N ILE B 184 -10.62 5.94 0.95
CA ILE B 184 -9.37 6.04 0.19
C ILE B 184 -8.12 6.25 1.06
N PRO B 185 -8.01 7.29 1.93
CA PRO B 185 -6.79 7.41 2.72
C PRO B 185 -6.55 6.22 3.62
N TYR B 186 -7.62 5.65 4.19
CA TYR B 186 -7.52 4.53 5.10
C TYR B 186 -7.05 3.28 4.39
N CYS B 187 -7.62 3.01 3.21
CA CYS B 187 -7.26 1.85 2.42
C CYS B 187 -5.80 1.95 1.99
N SER B 188 -5.36 3.17 1.61
CA SER B 188 -3.99 3.48 1.18
C SER B 188 -2.99 3.22 2.33
N SER B 189 -3.30 3.70 3.54
CA SER B 189 -2.46 3.48 4.71
C SER B 189 -2.43 2.00 5.07
N LYS B 190 -3.54 1.27 4.87
CA LYS B 190 -3.60 -0.16 5.14
C LYS B 190 -2.83 -1.01 4.10
N PHE B 191 -2.84 -0.55 2.86
CA PHE B 191 -2.09 -1.15 1.78
C PHE B 191 -0.60 -0.96 2.08
N ALA B 192 -0.21 0.21 2.63
CA ALA B 192 1.15 0.51 3.05
C ALA B 192 1.55 -0.40 4.22
N ALA B 193 0.63 -0.73 5.13
CA ALA B 193 0.91 -1.62 6.25
C ALA B 193 1.21 -3.00 5.73
N VAL B 194 0.44 -3.51 4.75
CA VAL B 194 0.70 -4.83 4.15
C VAL B 194 2.08 -4.83 3.50
N GLY B 195 2.37 -3.77 2.76
CA GLY B 195 3.66 -3.58 2.12
C GLY B 195 4.81 -3.57 3.09
N PHE B 196 4.67 -2.81 4.18
CA PHE B 196 5.69 -2.73 5.24
C PHE B 196 6.03 -4.14 5.78
N HIS B 197 4.99 -4.92 6.19
CA HIS B 197 5.15 -6.30 6.68
C HIS B 197 5.82 -7.16 5.63
N ARG B 198 5.41 -7.01 4.38
CA ARG B 198 5.93 -7.82 3.30
C ARG B 198 7.41 -7.61 3.08
N ALA B 199 7.82 -6.35 2.89
CA ALA B 199 9.21 -5.98 2.66
C ALA B 199 10.07 -6.28 3.88
N LEU B 200 9.53 -6.10 5.10
CA LEU B 200 10.25 -6.42 6.34
C LEU B 200 10.57 -7.89 6.40
N THR B 201 9.61 -8.75 6.03
CA THR B 201 9.77 -10.20 6.03
C THR B 201 10.88 -10.60 5.08
N LEU B 202 10.92 -10.00 3.89
CA LEU B 202 11.93 -10.31 2.90
C LEU B 202 13.29 -9.76 3.26
N GLU B 203 13.34 -8.60 3.93
CA GLU B 203 14.59 -7.98 4.36
C GLU B 203 15.19 -8.78 5.52
N LEU B 204 14.35 -9.24 6.47
CA LEU B 204 14.81 -10.07 7.59
C LEU B 204 15.40 -11.38 7.05
N GLN B 205 14.73 -11.96 6.05
CA GLN B 205 15.16 -13.19 5.40
C GLN B 205 16.48 -12.95 4.66
N ALA B 206 16.58 -11.84 3.89
CA ALA B 206 17.77 -11.44 3.15
C ALA B 206 18.97 -11.20 4.07
N LEU B 207 18.74 -10.59 5.22
CA LEU B 207 19.79 -10.34 6.20
C LEU B 207 20.25 -11.60 6.97
N GLY B 208 19.50 -12.69 6.83
CA GLY B 208 19.82 -13.93 7.54
C GLY B 208 19.26 -14.00 8.94
N ILE B 209 18.36 -13.08 9.29
CA ILE B 209 17.75 -13.07 10.61
C ILE B 209 16.64 -14.12 10.68
N THR B 210 17.00 -15.29 11.19
CA THR B 210 16.11 -16.43 11.30
C THR B 210 15.15 -16.39 12.49
N GLY B 211 15.52 -15.65 13.53
CA GLY B 211 14.78 -15.61 14.78
C GLY B 211 13.68 -14.58 14.94
N ILE B 212 13.53 -13.67 13.99
CA ILE B 212 12.49 -12.66 14.08
C ILE B 212 11.37 -13.01 13.13
N LYS B 213 10.21 -13.32 13.67
CA LYS B 213 9.03 -13.69 12.89
C LYS B 213 8.15 -12.47 12.58
N THR B 214 7.26 -12.60 11.62
CA THR B 214 6.33 -11.53 11.25
C THR B 214 4.95 -12.10 10.99
N SER B 215 3.92 -11.34 11.38
CA SER B 215 2.52 -11.69 11.14
C SER B 215 1.77 -10.45 10.67
N CYS B 216 0.70 -10.62 9.88
CA CYS B 216 -0.10 -9.50 9.37
C CYS B 216 -1.55 -9.84 9.60
N LEU B 217 -2.24 -9.04 10.41
CA LEU B 217 -3.63 -9.31 10.72
C LEU B 217 -4.56 -8.53 9.81
N CYS B 218 -5.31 -9.25 8.98
CA CYS B 218 -6.22 -8.63 8.04
C CYS B 218 -7.65 -9.10 8.26
N PRO B 219 -8.35 -8.51 9.23
CA PRO B 219 -9.74 -8.90 9.44
C PRO B 219 -10.71 -8.09 8.59
N VAL B 220 -11.93 -8.63 8.41
CA VAL B 220 -13.00 -7.92 7.74
C VAL B 220 -13.63 -6.94 8.79
N PHE B 221 -14.84 -6.41 8.60
CA PHE B 221 -15.43 -5.46 9.54
C PHE B 221 -15.60 -6.11 10.91
N VAL B 222 -15.08 -5.48 11.95
CA VAL B 222 -15.24 -6.00 13.32
C VAL B 222 -16.08 -5.00 14.11
N ASN B 223 -17.05 -5.52 14.88
CA ASN B 223 -17.99 -4.78 15.74
C ASN B 223 -17.31 -4.14 16.97
N THR B 224 -16.36 -3.22 16.74
CA THR B 224 -15.62 -2.52 17.80
C THR B 224 -15.93 -1.02 17.90
N GLY B 225 -16.85 -0.53 17.05
CA GLY B 225 -17.17 0.88 17.03
C GLY B 225 -16.13 1.72 16.32
N PHE B 226 -15.15 1.08 15.65
CA PHE B 226 -14.10 1.76 14.89
C PHE B 226 -14.76 2.54 13.74
N THR B 227 -15.79 1.94 13.09
CA THR B 227 -16.64 2.51 12.03
C THR B 227 -18.08 2.05 12.29
N LYS B 228 -19.09 2.82 11.87
CA LYS B 228 -20.49 2.50 12.16
C LYS B 228 -21.09 1.27 11.42
N ASN B 229 -20.69 1.00 10.17
CA ASN B 229 -21.25 -0.13 9.41
C ASN B 229 -20.22 -0.78 8.48
N PRO B 230 -20.37 -2.09 8.17
CA PRO B 230 -19.48 -2.71 7.18
C PRO B 230 -19.77 -2.19 5.77
N SER B 231 -18.77 -2.24 4.88
CA SER B 231 -18.96 -1.77 3.52
C SER B 231 -19.86 -2.71 2.69
N THR B 232 -19.81 -4.02 2.98
CA THR B 232 -20.65 -4.98 2.26
C THR B 232 -21.66 -5.61 3.22
N ARG B 233 -22.90 -5.72 2.74
CA ARG B 233 -24.08 -6.18 3.46
C ARG B 233 -24.06 -7.68 3.73
N LEU B 238 -18.96 -10.09 12.93
CA LEU B 238 -17.64 -10.49 13.45
C LEU B 238 -17.32 -9.85 14.80
N GLU B 239 -17.22 -10.68 15.86
CA GLU B 239 -17.04 -10.21 17.22
C GLU B 239 -15.58 -10.01 17.59
N THR B 240 -15.31 -8.97 18.39
CA THR B 240 -13.98 -8.58 18.83
C THR B 240 -13.11 -9.72 19.39
N ASP B 241 -13.69 -10.52 20.31
CA ASP B 241 -13.01 -11.65 20.95
C ASP B 241 -12.57 -12.74 19.97
N THR B 242 -13.26 -12.86 18.83
CA THR B 242 -12.92 -13.85 17.82
C THR B 242 -11.65 -13.46 17.12
N VAL B 243 -11.52 -12.18 16.77
CA VAL B 243 -10.34 -11.65 16.09
C VAL B 243 -9.09 -11.74 16.99
N ALA B 244 -9.28 -11.60 18.32
CA ALA B 244 -8.18 -11.74 19.27
C ALA B 244 -7.69 -13.20 19.29
N ARG B 245 -8.64 -14.16 19.27
CA ARG B 245 -8.33 -15.58 19.24
C ARG B 245 -7.63 -15.96 17.93
N SER B 246 -8.08 -15.38 16.81
CA SER B 246 -7.50 -15.63 15.50
C SER B 246 -6.07 -15.09 15.42
N LEU B 247 -5.82 -13.91 15.99
CA LEU B 247 -4.49 -13.31 16.01
C LEU B 247 -3.53 -14.11 16.91
N ILE B 248 -3.98 -14.52 18.12
CA ILE B 248 -3.10 -15.29 19.01
C ILE B 248 -2.74 -16.63 18.39
N ASP B 249 -3.70 -17.29 17.70
CA ASP B 249 -3.42 -18.56 17.03
C ASP B 249 -2.37 -18.36 15.93
N GLY B 250 -2.51 -17.27 15.17
CA GLY B 250 -1.59 -16.93 14.10
C GLY B 250 -0.18 -16.69 14.61
N ILE B 251 -0.05 -15.84 15.65
CA ILE B 251 1.24 -15.55 16.27
C ILE B 251 1.90 -16.83 16.80
N LEU B 252 1.17 -17.65 17.58
CA LEU B 252 1.73 -18.87 18.14
C LEU B 252 2.15 -19.89 17.09
N THR B 253 1.60 -19.81 15.89
CA THR B 253 1.98 -20.75 14.82
C THR B 253 2.83 -20.08 13.72
N ASN B 254 3.28 -18.83 13.94
CA ASN B 254 4.12 -18.07 13.03
C ASN B 254 3.49 -17.83 11.66
N LYS B 255 2.16 -17.71 11.61
CA LYS B 255 1.42 -17.45 10.38
C LYS B 255 1.75 -16.04 9.92
N LYS B 256 2.22 -15.91 8.68
CA LYS B 256 2.63 -14.62 8.13
C LYS B 256 1.46 -13.74 7.71
N MET B 257 0.46 -14.30 7.03
CA MET B 257 -0.68 -13.52 6.58
C MET B 257 -1.94 -14.14 7.17
N ILE B 258 -2.43 -13.53 8.24
CA ILE B 258 -3.59 -13.99 8.97
C ILE B 258 -4.83 -13.23 8.52
N PHE B 259 -5.78 -13.93 7.87
CA PHE B 259 -7.04 -13.32 7.47
C PHE B 259 -8.13 -13.70 8.44
N VAL B 260 -9.00 -12.74 8.83
CA VAL B 260 -10.10 -13.06 9.75
C VAL B 260 -11.42 -12.65 9.10
N PRO B 261 -12.25 -13.62 8.67
CA PRO B 261 -12.05 -15.07 8.74
C PRO B 261 -11.13 -15.61 7.65
N SER B 262 -10.37 -16.67 8.00
CA SER B 262 -9.36 -17.32 7.17
C SER B 262 -9.73 -17.51 5.70
N TYR B 263 -10.98 -17.95 5.45
CA TYR B 263 -11.47 -18.20 4.09
C TYR B 263 -11.51 -16.95 3.18
N TYR B 264 -11.19 -15.75 3.73
CA TYR B 264 -11.18 -14.55 2.89
C TYR B 264 -9.95 -14.48 1.98
N ASN B 265 -8.90 -15.30 2.23
CA ASN B 265 -7.75 -15.44 1.33
C ASN B 265 -8.23 -15.94 -0.06
N ILE B 266 -9.37 -16.68 -0.09
CA ILE B 266 -10.05 -17.22 -1.27
C ILE B 266 -10.82 -16.13 -1.98
N TYR B 267 -11.70 -15.37 -1.28
CA TYR B 267 -12.47 -14.30 -1.92
C TYR B 267 -11.56 -13.26 -2.60
N LEU B 268 -10.39 -13.02 -2.03
CA LEU B 268 -9.43 -12.08 -2.60
C LEU B 268 -8.88 -12.58 -3.93
N ILE B 269 -8.64 -13.89 -4.04
CA ILE B 269 -8.17 -14.47 -5.31
C ILE B 269 -9.37 -14.92 -6.18
N LEU B 270 -10.47 -14.17 -6.09
CA LEU B 270 -11.72 -14.31 -6.86
C LEU B 270 -12.04 -12.99 -7.60
N ASP B 271 -11.49 -11.86 -7.11
CA ASP B 271 -11.60 -10.51 -7.70
C ASP B 271 -10.39 -10.28 -8.61
N LYS B 272 -9.18 -10.75 -8.18
CA LYS B 272 -7.91 -10.60 -8.91
C LYS B 272 -7.89 -11.44 -10.20
N PHE B 273 -8.62 -12.58 -10.22
CA PHE B 273 -8.73 -13.40 -11.42
C PHE B 273 -10.09 -13.18 -12.11
N LEU B 274 -10.74 -12.01 -11.88
CA LEU B 274 -12.04 -11.64 -12.42
C LEU B 274 -11.90 -10.51 -13.44
N ALA B 278 -10.42 -11.93 -17.05
CA ALA B 278 -10.65 -12.75 -18.24
C ALA B 278 -10.98 -14.22 -17.88
N LEU B 279 -11.61 -14.96 -18.83
CA LEU B 279 -11.96 -16.38 -18.63
C LEU B 279 -10.69 -17.24 -18.48
N ALA B 280 -9.61 -16.88 -19.20
CA ALA B 280 -8.34 -17.60 -19.12
C ALA B 280 -7.49 -17.23 -17.89
N ALA B 281 -7.92 -16.24 -17.07
CA ALA B 281 -7.19 -15.86 -15.85
C ALA B 281 -7.51 -16.86 -14.76
N ILE B 282 -8.79 -17.25 -14.62
CA ILE B 282 -9.20 -18.29 -13.66
C ILE B 282 -8.74 -19.68 -14.16
N ASN B 283 -8.68 -19.86 -15.50
CA ASN B 283 -8.25 -21.06 -16.22
C ASN B 283 -6.83 -21.47 -15.83
N HIS B 284 -5.93 -20.48 -15.66
CA HIS B 284 -4.55 -20.75 -15.25
C HIS B 284 -4.52 -21.11 -13.79
N LEU B 285 -5.25 -20.37 -12.94
CA LEU B 285 -5.35 -20.66 -11.51
C LEU B 285 -5.90 -22.07 -11.20
N GLN B 286 -6.47 -22.75 -12.20
CA GLN B 286 -6.96 -24.10 -12.04
C GLN B 286 -5.79 -25.08 -12.09
N ASN B 287 -5.13 -25.28 -13.26
CA ASN B 287 -4.02 -26.22 -13.36
C ASN B 287 -2.74 -25.78 -12.62
N ILE B 288 -2.61 -24.49 -12.27
CA ILE B 288 -1.44 -24.03 -11.50
C ILE B 288 -1.56 -24.43 -10.01
N GLN B 289 -2.80 -24.61 -9.52
CA GLN B 289 -3.04 -25.00 -8.13
C GLN B 289 -3.01 -26.51 -7.90
N PHE B 290 -3.64 -27.31 -8.80
CA PHE B 290 -3.72 -28.78 -8.66
C PHE B 290 -2.42 -29.52 -9.00
N GLU B 291 -1.28 -28.93 -8.62
CA GLU B 291 0.03 -29.52 -8.83
C GLU B 291 0.98 -29.09 -7.68
PA NAD C . 14.11 9.76 -12.25
O1A NAD C . 14.44 9.65 -13.68
O2A NAD C . 15.21 9.63 -11.27
O5B NAD C . 13.32 11.16 -12.13
C5B NAD C . 12.18 11.33 -11.25
C4B NAD C . 11.88 12.81 -11.17
O4B NAD C . 11.04 13.11 -10.05
C3B NAD C . 13.13 13.71 -11.06
O3B NAD C . 13.22 14.60 -12.16
C2B NAD C . 12.93 14.41 -9.71
O2B NAD C . 13.39 15.75 -9.66
C1B NAD C . 11.42 14.39 -9.59
N9A NAD C . 10.92 14.62 -8.23
C8A NAD C . 11.34 14.00 -7.09
N7A NAD C . 10.83 14.50 -5.99
C5A NAD C . 10.01 15.52 -6.45
C6A NAD C . 9.15 16.41 -5.78
N6A NAD C . 9.01 16.49 -4.45
N1A NAD C . 8.42 17.27 -6.55
C2A NAD C . 8.57 17.23 -7.87
N3A NAD C . 9.36 16.43 -8.59
C4A NAD C . 10.06 15.60 -7.83
O3 NAD C . 12.95 8.71 -11.89
PN NAD C . 12.15 7.60 -12.72
O1N NAD C . 11.59 8.21 -13.96
O2N NAD C . 13.00 6.39 -12.83
O5D NAD C . 10.93 7.28 -11.74
C5D NAD C . 9.64 7.89 -11.94
C4D NAD C . 8.57 7.17 -11.16
O4D NAD C . 8.54 5.77 -11.52
C3D NAD C . 8.69 7.21 -9.63
O3D NAD C . 7.42 7.45 -9.04
C2D NAD C . 9.23 5.82 -9.29
O2D NAD C . 8.70 5.32 -8.07
C1D NAD C . 8.54 4.97 -10.36
N1N NAD C . 9.27 3.70 -10.66
C2N NAD C . 10.58 3.72 -10.89
C3N NAD C . 11.22 2.59 -11.38
C7N NAD C . 12.63 2.65 -11.91
O7N NAD C . 13.35 1.64 -11.87
N7N NAD C . 13.04 3.79 -12.46
C4N NAD C . 10.48 1.42 -11.49
C5N NAD C . 9.13 1.42 -11.20
C6N NAD C . 8.54 2.57 -10.77
C4 A1AG5 D . 12.14 -0.84 -8.59
C7 A1AG5 D . 13.04 -3.48 -8.87
C6 A1AG5 D . 11.85 -3.08 -9.42
C20 A1AG5 D . 11.22 -6.51 -8.29
C8 A1AG5 D . 13.84 -2.53 -8.16
C18 A1AG5 D . 9.38 -7.99 -8.80
C16 A1AG5 D . 11.07 -7.59 -10.45
C19 A1AG5 D . 10.03 -7.13 -7.92
C1 A1AG5 D . 15.43 -0.76 -6.80
C2 A1AG5 D . 14.23 -0.32 -7.29
C3 A1AG5 D . 13.39 -1.20 -8.01
C5 A1AG5 D . 11.42 -1.77 -9.30
N9 A1AG5 D . 15.05 -2.96 -7.67
C10 A1AG5 D . 15.79 -2.08 -7.02
N11 A1AG5 D . 13.53 -4.81 -8.91
S12 A1AG5 D . 13.19 -5.91 -10.06
O13 A1AG5 D . 14.27 -6.85 -10.04
O14 A1AG5 D . 12.90 -5.21 -11.28
C15 A1AG5 D . 11.72 -6.74 -9.56
C17 A1AG5 D . 9.90 -8.22 -10.05
CL21 A1AG5 D . 9.36 -6.75 -6.36
CL22 A1AG5 D . 7.93 -8.82 -8.34
C23 A1AG5 D . 11.49 0.50 -8.37
O24 A1AG5 D . 10.27 0.58 -8.29
O25 A1AG5 D . 12.28 1.52 -8.29
H29 A1AG5 D . 11.21 -3.77 -9.96
H34 A1AG5 D . 11.70 -5.86 -7.57
H32 A1AG5 D . 11.49 -7.77 -11.44
H26 A1AG5 D . 16.09 -0.10 -6.26
H27 A1AG5 D . 13.93 0.71 -7.11
H28 A1AG5 D . 10.49 -1.50 -9.80
H30 A1AG5 D . 16.74 -2.46 -6.67
H31 A1AG5 D . 14.15 -5.02 -8.14
H33 A1AG5 D . 9.40 -8.91 -10.73
PA NAD E . -10.95 0.69 18.47
O1A NAD E . -11.71 -0.34 19.22
O2A NAD E . -11.59 2.00 18.17
O5B NAD E . -9.59 0.89 19.29
C5B NAD E . -8.39 1.37 18.66
C4B NAD E . -7.51 1.86 19.78
O4B NAD E . -6.39 2.59 19.24
C3B NAD E . -8.23 2.79 20.77
O3B NAD E . -8.09 2.39 22.13
C2B NAD E . -7.60 4.15 20.47
O2B NAD E . -7.65 5.03 21.59
C1B NAD E . -6.20 3.73 20.04
N9A NAD E . -5.47 4.74 19.27
C8A NAD E . -5.99 5.56 18.30
N7A NAD E . -5.18 6.51 17.91
C5A NAD E . -4.04 6.30 18.67
C6A NAD E . -2.81 6.97 18.76
N6A NAD E . -2.55 8.13 18.14
N1A NAD E . -1.88 6.49 19.62
C2A NAD E . -2.18 5.42 20.36
N3A NAD E . -3.31 4.71 20.36
C4A NAD E . -4.21 5.20 19.51
O3 NAD E . -10.40 0.06 17.11
PN NAD E . -10.15 -1.44 16.61
O1N NAD E . -9.58 -2.24 17.72
O2N NAD E . -11.38 -1.91 15.93
O5D NAD E . -8.99 -1.19 15.53
C5D NAD E . -7.66 -1.67 15.83
C4D NAD E . -6.90 -1.84 14.54
O4D NAD E . -7.53 -2.85 13.72
C3D NAD E . -6.73 -0.61 13.66
O3D NAD E . -5.40 -0.57 13.16
C2D NAD E . -7.72 -0.85 12.53
O2D NAD E . -7.28 -0.36 11.28
C1D NAD E . -7.63 -2.37 12.41
N1N NAD E . -8.86 -2.95 11.78
C2N NAD E . -10.06 -2.66 12.31
C3N NAD E . -11.20 -3.27 11.83
C7N NAD E . -12.53 -2.85 12.38
O7N NAD E . -13.51 -2.77 11.62
N7N NAD E . -12.59 -2.58 13.68
C4N NAD E . -11.08 -4.20 10.81
C5N NAD E . -9.83 -4.47 10.27
C6N NAD E . -8.73 -3.81 10.75
C4 A1AG5 F . -12.89 -2.38 7.60
C7 A1AG5 F . -14.86 -3.48 5.94
C6 A1AG5 F . -13.76 -4.21 6.30
C20 A1AG5 F . -14.39 -5.23 2.83
C8 A1AG5 F . -15.01 -2.15 6.42
C18 A1AG5 F . -13.55 -7.08 1.54
C16 A1AG5 F . -15.19 -7.47 3.25
C19 A1AG5 F . -13.55 -5.73 1.86
C1 A1AG5 F . -15.37 0.41 7.33
C2 A1AG5 F . -14.23 -0.25 7.69
C3 A1AG5 F . -14.01 -1.58 7.25
C5 A1AG5 F . -12.79 -3.67 7.15
N9 A1AG5 F . -16.15 -1.47 6.07
C10 A1AG5 F . -16.29 -0.24 6.53
N11 A1AG5 F . -15.86 -3.94 5.05
S12 A1AG5 F . -16.27 -5.50 4.80
O13 A1AG5 F . -17.61 -5.47 4.31
O14 A1AG5 F . -15.97 -6.22 6.00
C15 A1AG5 F . -15.21 -6.11 3.52
C17 A1AG5 F . -14.37 -7.95 2.24
CL21 A1AG5 F . -12.44 -4.63 1.09
CL22 A1AG5 F . -12.58 -7.70 0.24
C23 A1AG5 F . -11.73 -1.85 8.40
O24 A1AG5 F . -11.88 -1.05 9.32
O25 A1AG5 F . -10.56 -2.28 8.04
H29 A1AG5 F . -13.59 -5.23 5.95
H34 A1AG5 F . -14.39 -4.16 3.02
H32 A1AG5 F . -15.83 -8.16 3.80
H26 A1AG5 F . -15.56 1.42 7.67
H27 A1AG5 F . -13.50 0.25 8.32
H28 A1AG5 F . -11.97 -4.32 7.44
H30 A1AG5 F . -17.21 0.25 6.22
H31 A1AG5 F . -16.32 -3.18 4.56
H33 A1AG5 F . -14.32 -9.01 2.02
#